data_6SNX
#
_entry.id   6SNX
#
_cell.length_a   51.738
_cell.length_b   71.261
_cell.length_c   97.135
_cell.angle_alpha   90.000
_cell.angle_beta   90.000
_cell.angle_gamma   90.000
#
_symmetry.space_group_name_H-M   'P 21 21 21'
#
loop_
_entity.id
_entity.type
_entity.pdbx_description
1 polymer 'cAMP-dependent protein kinase catalytic subunit alpha'
2 non-polymer BENZAMIDE
3 water water
#
_entity_poly.entity_id   1
_entity_poly.type   'polypeptide(L)'
_entity_poly.pdbx_seq_one_letter_code
;GHMGNAAAAKKGSEQESVKEFLAKAKEEFLKKWESPSQNTAQLDHFDRIKTLGTGSFGRVMLVKHKETGNHYAMKILDKQ
KVVKLKQIEHTLNEKRILQAVNFPFLVKLEFSFKDNSNLYMVMEYVPGGEMFSHLRRIGRF(SEP)EPHARFYAAQIVLT
FEYLHSLDLIYRDLKPENLLIDQQGYIQVTDFGFAKRVKGRTW(TPO)LCGTPEYLAPEIILSKGYNKAVDWWALGVLIY
EMAAGYPPFFADQPIQIYEKIVSGKVRFPSHFSSDLKDLLRNLLQVDLTKRFGNLKNGVNDIKNHKWFATTDWIAIYQRK
VEAPFIPKFKGPGDTSNFDDYEEEEIRV(SEP)INEKCGKEFTEF
;
_entity_poly.pdbx_strand_id   A
#
loop_
_chem_comp.id
_chem_comp.type
_chem_comp.name
_chem_comp.formula
UNU non-polymer BENZAMIDE 'C7 H7 N O'
#
# COMPACT_ATOMS: atom_id res chain seq x y z
N GLU A 14 9.32 -1.41 -25.09
CA GLU A 14 7.92 -1.48 -24.67
C GLU A 14 7.02 -1.00 -25.79
N GLN A 15 5.80 -1.55 -25.86
CA GLN A 15 4.86 -1.12 -26.88
C GLN A 15 4.53 0.35 -26.68
N GLU A 16 4.39 1.06 -27.80
CA GLU A 16 4.07 2.48 -27.73
C GLU A 16 2.76 2.70 -26.99
N SER A 17 1.81 1.76 -27.07
CA SER A 17 0.57 1.93 -26.32
C SER A 17 0.85 2.07 -24.83
N VAL A 18 1.79 1.29 -24.31
CA VAL A 18 2.15 1.38 -22.89
C VAL A 18 2.90 2.67 -22.60
N LYS A 19 3.86 3.03 -23.46
CA LYS A 19 4.59 4.27 -23.32
C LYS A 19 3.63 5.46 -23.26
N GLU A 20 2.67 5.50 -24.18
CA GLU A 20 1.75 6.63 -24.22
C GLU A 20 0.83 6.64 -23.00
N PHE A 21 0.41 5.46 -22.54
CA PHE A 21 -0.39 5.39 -21.33
C PHE A 21 0.37 6.00 -20.16
N LEU A 22 1.63 5.59 -19.98
CA LEU A 22 2.39 6.08 -18.84
C LEU A 22 2.73 7.56 -18.97
N ALA A 23 2.91 8.06 -20.20
CA ALA A 23 3.16 9.48 -20.39
C ALA A 23 1.95 10.30 -19.93
N LYS A 24 0.75 9.84 -20.30
CA LYS A 24 -0.47 10.52 -19.88
C LYS A 24 -0.64 10.41 -18.37
N ALA A 25 -0.37 9.23 -17.81
CA ALA A 25 -0.48 9.06 -16.37
C ALA A 25 0.41 10.06 -15.64
N LYS A 26 1.63 10.25 -16.14
CA LYS A 26 2.55 11.17 -15.48
C LYS A 26 2.11 12.61 -15.63
N GLU A 27 1.64 13.00 -16.83
CA GLU A 27 1.10 14.33 -17.03
C GLU A 27 -0.01 14.64 -16.02
N GLU A 28 -0.94 13.70 -15.85
CA GLU A 28 -2.08 13.94 -14.99
C GLU A 28 -1.66 13.99 -13.54
N PHE A 29 -0.72 13.13 -13.15
CA PHE A 29 -0.20 13.16 -11.80
C PHE A 29 0.50 14.47 -11.50
N LEU A 30 1.32 14.95 -12.44
CA LEU A 30 2.11 16.14 -12.16
C LEU A 30 1.22 17.37 -12.04
N LYS A 31 0.14 17.45 -12.82
CA LYS A 31 -0.76 18.59 -12.69
C LYS A 31 -1.33 18.66 -11.28
N LYS A 32 -1.77 17.52 -10.74
CA LYS A 32 -2.30 17.51 -9.37
C LYS A 32 -1.20 17.66 -8.33
N TRP A 33 -0.02 17.09 -8.60
CA TRP A 33 1.11 17.21 -7.69
C TRP A 33 1.50 18.67 -7.48
N GLU A 34 1.49 19.45 -8.55
CA GLU A 34 1.95 20.82 -8.49
C GLU A 34 0.90 21.73 -7.89
N SER A 35 -0.37 21.36 -7.93
CA SER A 35 -1.46 22.18 -7.39
C SER A 35 -2.39 21.29 -6.55
N PRO A 36 -1.95 20.90 -5.36
CA PRO A 36 -2.74 19.93 -4.59
C PRO A 36 -4.07 20.49 -4.10
N SER A 37 -5.07 19.60 -4.07
N SER A 37 -5.07 19.62 -4.05
CA SER A 37 -6.32 19.92 -3.41
CA SER A 37 -6.34 19.99 -3.45
C SER A 37 -6.08 20.13 -1.92
C SER A 37 -6.19 20.05 -1.93
N GLN A 38 -6.89 20.99 -1.31
CA GLN A 38 -6.84 21.21 0.12
C GLN A 38 -8.23 21.54 0.62
N ASN A 39 -8.53 21.11 1.85
CA ASN A 39 -9.69 21.61 2.59
C ASN A 39 -11.00 21.38 1.85
N THR A 40 -11.27 20.13 1.46
CA THR A 40 -12.40 19.84 0.60
C THR A 40 -13.60 19.24 1.34
N ALA A 41 -13.53 19.11 2.65
CA ALA A 41 -14.69 18.77 3.49
C ALA A 41 -14.40 19.26 4.91
N GLN A 42 -15.26 18.91 5.85
CA GLN A 42 -15.02 19.21 7.25
C GLN A 42 -15.65 18.10 8.09
N LEU A 43 -15.23 18.01 9.35
CA LEU A 43 -15.56 16.83 10.16
C LEU A 43 -17.06 16.70 10.36
N ASP A 44 -17.76 17.81 10.60
CA ASP A 44 -19.18 17.73 10.91
C ASP A 44 -20.04 17.45 9.68
N HIS A 45 -19.41 17.21 8.52
CA HIS A 45 -20.14 16.66 7.39
C HIS A 45 -20.36 15.16 7.52
N PHE A 46 -19.75 14.50 8.51
CA PHE A 46 -19.76 13.07 8.63
C PHE A 46 -20.26 12.61 10.00
N ASP A 47 -20.89 11.44 9.99
CA ASP A 47 -21.21 10.68 11.18
C ASP A 47 -20.11 9.63 11.37
N ARG A 48 -19.72 9.41 12.61
CA ARG A 48 -18.77 8.38 12.98
C ARG A 48 -19.51 7.06 13.17
N ILE A 49 -19.04 5.99 12.55
CA ILE A 49 -19.67 4.67 12.66
C ILE A 49 -18.87 3.69 13.52
N LYS A 50 -17.59 3.48 13.20
CA LYS A 50 -16.82 2.44 13.87
C LYS A 50 -15.34 2.66 13.60
N THR A 51 -14.51 2.31 14.57
CA THR A 51 -13.07 2.28 14.36
C THR A 51 -12.67 1.02 13.60
N LEU A 52 -11.98 1.21 12.48
CA LEU A 52 -11.55 0.10 11.63
C LEU A 52 -10.10 -0.30 11.85
N GLY A 53 -9.29 0.57 12.44
CA GLY A 53 -7.88 0.30 12.62
C GLY A 53 -7.24 1.38 13.45
N THR A 54 -6.10 1.06 14.06
CA THR A 54 -5.44 2.01 14.95
C THR A 54 -3.93 1.91 14.78
N GLY A 55 -3.27 3.00 15.17
CA GLY A 55 -1.82 3.11 15.11
C GLY A 55 -1.28 4.03 16.19
N SER A 56 0.04 4.26 16.13
N SER A 56 0.04 4.26 16.16
CA SER A 56 0.69 5.05 17.18
CA SER A 56 0.68 5.06 17.21
C SER A 56 0.29 6.52 17.12
C SER A 56 0.35 6.54 17.12
N PHE A 57 -0.04 7.05 15.95
CA PHE A 57 -0.41 8.45 15.81
C PHE A 57 -1.73 8.69 15.09
N GLY A 58 -2.52 7.65 14.85
CA GLY A 58 -3.83 7.89 14.31
C GLY A 58 -4.71 6.65 14.32
N ARG A 59 -5.84 6.78 13.65
CA ARG A 59 -6.82 5.72 13.54
C ARG A 59 -7.49 5.84 12.18
N VAL A 60 -8.15 4.78 11.75
CA VAL A 60 -9.04 4.83 10.60
C VAL A 60 -10.45 4.50 11.08
N MET A 61 -11.42 5.33 10.68
N MET A 61 -11.42 5.32 10.70
CA MET A 61 -12.81 5.22 11.04
CA MET A 61 -12.81 5.14 11.12
C MET A 61 -13.65 4.95 9.82
C MET A 61 -13.73 5.05 9.91
N LEU A 62 -14.70 4.13 9.99
CA LEU A 62 -15.81 4.14 9.05
C LEU A 62 -16.68 5.33 9.39
N VAL A 63 -16.99 6.14 8.37
CA VAL A 63 -17.83 7.31 8.54
C VAL A 63 -18.89 7.30 7.44
N LYS A 64 -19.94 8.09 7.64
CA LYS A 64 -21.00 8.24 6.66
C LYS A 64 -21.21 9.72 6.41
N HIS A 65 -21.23 10.12 5.15
CA HIS A 65 -21.50 11.51 4.82
C HIS A 65 -22.98 11.79 5.03
N LYS A 66 -23.27 12.84 5.81
CA LYS A 66 -24.64 13.05 6.29
C LYS A 66 -25.59 13.50 5.19
N GLU A 67 -25.08 14.12 4.13
CA GLU A 67 -25.96 14.59 3.06
C GLU A 67 -26.14 13.55 1.97
N THR A 68 -25.08 12.84 1.59
CA THR A 68 -25.19 11.89 0.49
C THR A 68 -25.48 10.47 0.96
N GLY A 69 -25.18 10.14 2.21
CA GLY A 69 -25.31 8.79 2.71
C GLY A 69 -24.19 7.86 2.32
N ASN A 70 -23.17 8.37 1.63
CA ASN A 70 -22.05 7.52 1.24
C ASN A 70 -21.15 7.20 2.43
N HIS A 71 -20.65 5.98 2.45
CA HIS A 71 -19.65 5.58 3.43
C HIS A 71 -18.26 5.85 2.92
N TYR A 72 -17.36 6.16 3.84
CA TYR A 72 -15.94 6.40 3.56
C TYR A 72 -15.13 5.87 4.73
N ALA A 73 -13.86 5.62 4.47
CA ALA A 73 -12.88 5.36 5.52
C ALA A 73 -12.09 6.63 5.76
N MET A 74 -12.09 7.11 6.99
CA MET A 74 -11.46 8.36 7.34
C MET A 74 -10.23 8.07 8.18
N LYS A 75 -9.04 8.40 7.65
CA LYS A 75 -7.81 8.29 8.40
C LYS A 75 -7.60 9.61 9.14
N ILE A 76 -7.42 9.52 10.46
CA ILE A 76 -7.29 10.66 11.35
C ILE A 76 -5.91 10.59 11.98
N LEU A 77 -5.11 11.63 11.80
CA LEU A 77 -3.77 11.71 12.38
C LEU A 77 -3.71 12.85 13.39
N ASP A 78 -3.16 12.57 14.56
CA ASP A 78 -3.00 13.58 15.59
C ASP A 78 -1.73 14.37 15.31
N LYS A 79 -1.87 15.67 15.03
CA LYS A 79 -0.72 16.47 14.63
C LYS A 79 0.40 16.43 15.66
N GLN A 80 0.04 16.52 16.94
CA GLN A 80 1.10 16.54 17.94
C GLN A 80 1.88 15.22 17.98
N LYS A 81 1.22 14.10 17.72
CA LYS A 81 1.92 12.82 17.72
C LYS A 81 2.76 12.65 16.46
N VAL A 82 2.30 13.20 15.34
CA VAL A 82 3.08 13.14 14.11
C VAL A 82 4.41 13.85 14.29
N VAL A 83 4.35 15.04 14.87
CA VAL A 83 5.56 15.81 15.18
C VAL A 83 6.48 15.00 16.07
N LYS A 84 5.95 14.49 17.20
CA LYS A 84 6.80 13.80 18.16
C LYS A 84 7.44 12.56 17.55
N LEU A 85 6.70 11.82 16.71
CA LEU A 85 7.22 10.63 16.05
C LEU A 85 7.93 10.95 14.74
N LYS A 86 8.23 12.23 14.49
CA LYS A 86 9.06 12.66 13.37
C LYS A 86 8.49 12.20 12.02
N GLN A 87 7.16 12.25 11.90
CA GLN A 87 6.49 11.84 10.69
C GLN A 87 5.92 13.00 9.88
N ILE A 88 6.39 14.24 10.09
CA ILE A 88 5.76 15.39 9.42
C ILE A 88 5.85 15.24 7.92
N GLU A 89 7.07 15.08 7.41
CA GLU A 89 7.27 14.99 5.96
C GLU A 89 6.50 13.82 5.39
N HIS A 90 6.48 12.70 6.12
CA HIS A 90 5.80 11.51 5.64
C HIS A 90 4.31 11.74 5.52
N THR A 91 3.73 12.44 6.49
N THR A 91 3.70 12.44 6.48
CA THR A 91 2.30 12.74 6.42
CA THR A 91 2.26 12.70 6.36
C THR A 91 1.99 13.66 5.26
C THR A 91 1.96 13.69 5.25
N LEU A 92 2.83 14.67 5.03
CA LEU A 92 2.63 15.56 3.90
C LEU A 92 2.78 14.80 2.57
N ASN A 93 3.78 13.92 2.49
CA ASN A 93 3.94 13.07 1.31
C ASN A 93 2.67 12.27 1.06
N GLU A 94 2.16 11.61 2.11
CA GLU A 94 1.02 10.72 1.96
C GLU A 94 -0.14 11.43 1.30
N LYS A 95 -0.51 12.60 1.83
CA LYS A 95 -1.67 13.29 1.31
C LYS A 95 -1.40 13.88 -0.08
N ARG A 96 -0.23 14.47 -0.28
CA ARG A 96 0.06 15.07 -1.58
C ARG A 96 0.10 14.02 -2.69
N ILE A 97 0.64 12.85 -2.40
CA ILE A 97 0.67 11.78 -3.39
C ILE A 97 -0.73 11.25 -3.62
N LEU A 98 -1.45 10.94 -2.55
CA LEU A 98 -2.74 10.29 -2.74
C LEU A 98 -3.73 11.18 -3.48
N GLN A 99 -3.67 12.49 -3.27
CA GLN A 99 -4.58 13.35 -4.00
C GLN A 99 -4.21 13.48 -5.47
N ALA A 100 -3.02 13.03 -5.85
CA ALA A 100 -2.55 13.19 -7.22
C ALA A 100 -2.58 11.90 -8.05
N VAL A 101 -2.71 10.72 -7.44
CA VAL A 101 -2.62 9.47 -8.18
C VAL A 101 -4.00 9.02 -8.64
N ASN A 102 -3.98 8.08 -9.58
CA ASN A 102 -5.20 7.53 -10.19
C ASN A 102 -4.82 6.23 -10.86
N PHE A 103 -5.22 5.10 -10.26
CA PHE A 103 -4.90 3.80 -10.84
C PHE A 103 -5.92 2.80 -10.30
N PRO A 104 -6.26 1.76 -11.05
CA PRO A 104 -7.37 0.90 -10.62
C PRO A 104 -7.15 0.20 -9.29
N PHE A 105 -5.90 0.01 -8.88
CA PHE A 105 -5.59 -0.76 -7.68
C PHE A 105 -5.10 0.13 -6.53
N LEU A 106 -5.35 1.44 -6.61
CA LEU A 106 -5.05 2.37 -5.53
C LEU A 106 -6.35 2.93 -4.98
N VAL A 107 -6.51 2.90 -3.64
N VAL A 107 -6.50 2.89 -3.65
CA VAL A 107 -7.70 3.46 -3.02
CA VAL A 107 -7.69 3.48 -3.05
C VAL A 107 -7.77 4.95 -3.34
C VAL A 107 -7.76 4.94 -3.44
N LYS A 108 -8.96 5.42 -3.69
CA LYS A 108 -9.18 6.82 -4.04
C LYS A 108 -9.38 7.68 -2.80
N LEU A 109 -8.65 8.77 -2.75
CA LEU A 109 -8.86 9.81 -1.76
C LEU A 109 -9.98 10.74 -2.24
N GLU A 110 -11.04 10.86 -1.44
CA GLU A 110 -12.20 11.66 -1.81
C GLU A 110 -12.17 13.06 -1.22
N PHE A 111 -11.68 13.23 0.01
CA PHE A 111 -11.61 14.53 0.65
C PHE A 111 -10.38 14.55 1.54
N SER A 112 -9.89 15.75 1.84
CA SER A 112 -8.93 15.92 2.92
C SER A 112 -9.17 17.27 3.57
N PHE A 113 -8.76 17.37 4.83
CA PHE A 113 -8.88 18.62 5.59
C PHE A 113 -8.11 18.44 6.89
N LYS A 114 -7.98 19.55 7.62
CA LYS A 114 -7.34 19.55 8.93
C LYS A 114 -8.13 20.47 9.84
N ASP A 115 -7.91 20.32 11.14
CA ASP A 115 -8.49 21.22 12.12
C ASP A 115 -7.43 21.52 13.16
N ASN A 116 -7.85 22.04 14.31
CA ASN A 116 -6.87 22.49 15.29
C ASN A 116 -5.97 21.35 15.74
N SER A 117 -6.50 20.12 15.78
CA SER A 117 -5.76 18.99 16.33
C SER A 117 -5.29 17.96 15.32
N ASN A 118 -6.04 17.71 14.25
CA ASN A 118 -5.87 16.50 13.46
C ASN A 118 -5.77 16.82 11.99
N LEU A 119 -5.20 15.85 11.27
CA LEU A 119 -5.24 15.76 9.82
C LEU A 119 -6.21 14.66 9.44
N TYR A 120 -6.96 14.87 8.35
CA TYR A 120 -7.99 13.95 7.92
C TYR A 120 -7.84 13.62 6.44
N MET A 121 -7.87 12.33 6.13
CA MET A 121 -7.89 11.84 4.75
C MET A 121 -9.08 10.90 4.63
N VAL A 122 -10.03 11.26 3.79
CA VAL A 122 -11.28 10.51 3.64
C VAL A 122 -11.20 9.77 2.30
N MET A 123 -11.19 8.43 2.41
N MET A 123 -11.16 8.45 2.37
CA MET A 123 -10.96 7.49 1.33
CA MET A 123 -10.99 7.66 1.16
C MET A 123 -12.25 6.74 0.99
C MET A 123 -12.14 6.68 1.01
N GLU A 124 -12.27 6.14 -0.20
CA GLU A 124 -13.28 5.14 -0.47
C GLU A 124 -13.14 4.02 0.55
N TYR A 125 -14.27 3.55 1.06
CA TYR A 125 -14.31 2.43 1.99
C TYR A 125 -14.36 1.13 1.21
N VAL A 126 -13.50 0.19 1.58
CA VAL A 126 -13.44 -1.10 0.91
C VAL A 126 -13.91 -2.15 1.92
N PRO A 127 -15.18 -2.59 1.87
CA PRO A 127 -15.71 -3.43 2.95
C PRO A 127 -15.14 -4.83 3.00
N GLY A 128 -14.42 -5.29 1.98
CA GLY A 128 -13.93 -6.66 1.99
C GLY A 128 -12.80 -6.91 2.98
N GLY A 129 -12.19 -5.86 3.51
CA GLY A 129 -11.14 -6.04 4.48
C GLY A 129 -9.77 -6.25 3.88
N GLU A 130 -8.83 -6.50 4.78
CA GLU A 130 -7.43 -6.63 4.44
C GLU A 130 -7.10 -8.01 3.92
N MET A 131 -6.22 -8.06 2.92
CA MET A 131 -5.71 -9.35 2.47
C MET A 131 -5.19 -10.16 3.66
N PHE A 132 -4.54 -9.49 4.60
CA PHE A 132 -3.98 -10.17 5.76
C PHE A 132 -4.99 -11.10 6.44
N SER A 133 -6.21 -10.62 6.67
N SER A 133 -6.21 -10.61 6.69
CA SER A 133 -7.19 -11.45 7.36
CA SER A 133 -7.23 -11.42 7.34
C SER A 133 -7.61 -12.65 6.51
C SER A 133 -7.56 -12.65 6.50
N HIS A 134 -7.79 -12.44 5.21
CA HIS A 134 -8.18 -13.55 4.35
C HIS A 134 -7.07 -14.58 4.23
N LEU A 135 -5.82 -14.11 4.12
CA LEU A 135 -4.68 -15.03 4.06
C LEU A 135 -4.58 -15.86 5.33
N ARG A 136 -4.73 -15.23 6.49
CA ARG A 136 -4.61 -15.98 7.73
C ARG A 136 -5.79 -16.90 7.96
N ARG A 137 -6.96 -16.54 7.44
CA ARG A 137 -8.14 -17.40 7.59
C ARG A 137 -7.99 -18.67 6.77
N ILE A 138 -7.50 -18.55 5.52
CA ILE A 138 -7.39 -19.72 4.65
C ILE A 138 -6.05 -20.45 4.80
N GLY A 139 -5.03 -19.80 5.33
CA GLY A 139 -3.74 -20.43 5.54
C GLY A 139 -2.74 -19.99 4.50
N ARG A 140 -2.98 -20.35 3.24
N ARG A 140 -2.96 -20.39 3.25
CA ARG A 140 -2.13 -19.89 2.15
CA ARG A 140 -2.15 -19.87 2.15
C ARG A 140 -2.92 -19.90 0.86
C ARG A 140 -3.03 -19.76 0.92
N PHE A 141 -2.54 -19.00 -0.04
CA PHE A 141 -3.19 -18.91 -1.34
C PHE A 141 -2.51 -19.86 -2.31
N SEP A 142 -3.28 -20.48 -3.19
CA SEP A 142 -2.69 -21.24 -4.29
CB SEP A 142 -3.79 -21.88 -5.14
OG SEP A 142 -4.50 -20.88 -5.85
C SEP A 142 -1.85 -20.31 -5.17
O SEP A 142 -2.00 -19.09 -5.12
P SEP A 142 -5.91 -21.32 -6.52
O1P SEP A 142 -6.84 -21.81 -5.30
O2P SEP A 142 -5.67 -22.56 -7.48
O3P SEP A 142 -6.48 -20.03 -7.27
H SEP A 142 -4.14 -20.47 -3.18
HA SEP A 142 -2.13 -21.96 -3.94
HB2 SEP A 142 -4.41 -22.35 -4.54
HB3 SEP A 142 -3.39 -22.51 -5.75
N GLU A 143 -0.98 -20.86 -6.01
CA GLU A 143 -0.17 -20.02 -6.87
C GLU A 143 -1.02 -19.16 -7.82
N PRO A 144 -2.06 -19.72 -8.45
CA PRO A 144 -2.91 -18.85 -9.30
C PRO A 144 -3.50 -17.67 -8.54
N HIS A 145 -3.92 -17.92 -7.30
CA HIS A 145 -4.54 -16.88 -6.47
C HIS A 145 -3.50 -15.82 -6.08
N ALA A 146 -2.33 -16.27 -5.62
CA ALA A 146 -1.24 -15.35 -5.30
C ALA A 146 -0.82 -14.57 -6.53
N ARG A 147 -0.79 -15.23 -7.70
CA ARG A 147 -0.38 -14.60 -8.95
C ARG A 147 -1.35 -13.52 -9.38
N PHE A 148 -2.65 -13.77 -9.18
CA PHE A 148 -3.66 -12.75 -9.48
C PHE A 148 -3.39 -11.46 -8.70
N TYR A 149 -3.13 -11.56 -7.40
CA TYR A 149 -2.82 -10.38 -6.60
C TYR A 149 -1.45 -9.81 -6.99
N ALA A 150 -0.45 -10.67 -7.16
CA ALA A 150 0.88 -10.19 -7.50
C ALA A 150 0.87 -9.38 -8.80
N ALA A 151 0.10 -9.82 -9.78
CA ALA A 151 0.04 -9.10 -11.06
C ALA A 151 -0.46 -7.68 -10.87
N GLN A 152 -1.44 -7.50 -9.96
CA GLN A 152 -1.96 -6.18 -9.68
C GLN A 152 -0.90 -5.30 -9.03
N ILE A 153 -0.09 -5.88 -8.13
CA ILE A 153 0.99 -5.12 -7.51
C ILE A 153 2.06 -4.77 -8.54
N VAL A 154 2.39 -5.69 -9.44
CA VAL A 154 3.36 -5.39 -10.49
C VAL A 154 2.91 -4.20 -11.31
N LEU A 155 1.65 -4.18 -11.74
CA LEU A 155 1.15 -3.06 -12.53
C LEU A 155 1.12 -1.78 -11.71
N THR A 156 0.76 -1.88 -10.44
CA THR A 156 0.69 -0.71 -9.58
C THR A 156 2.07 -0.10 -9.38
N PHE A 157 3.09 -0.94 -9.19
CA PHE A 157 4.46 -0.44 -9.06
C PHE A 157 4.98 0.10 -10.38
N GLU A 158 4.62 -0.51 -11.51
CA GLU A 158 4.99 0.07 -12.79
C GLU A 158 4.45 1.49 -12.90
N TYR A 159 3.19 1.68 -12.52
CA TYR A 159 2.59 3.02 -12.49
C TYR A 159 3.31 3.95 -11.53
N LEU A 160 3.44 3.53 -10.26
CA LEU A 160 4.01 4.43 -9.26
C LEU A 160 5.45 4.78 -9.60
N HIS A 161 6.26 3.79 -9.96
CA HIS A 161 7.66 4.04 -10.25
C HIS A 161 7.82 4.96 -11.46
N SER A 162 6.92 4.88 -12.43
N SER A 162 6.92 4.87 -12.44
CA SER A 162 7.03 5.75 -13.60
CA SER A 162 7.01 5.74 -13.60
C SER A 162 6.77 7.21 -13.24
C SER A 162 6.81 7.19 -13.21
N LEU A 163 6.08 7.44 -12.14
CA LEU A 163 5.83 8.78 -11.60
C LEU A 163 6.91 9.21 -10.63
N ASP A 164 8.00 8.44 -10.52
CA ASP A 164 9.07 8.67 -9.55
C ASP A 164 8.60 8.52 -8.11
N LEU A 165 7.62 7.66 -7.88
CA LEU A 165 7.12 7.38 -6.53
C LEU A 165 7.63 6.02 -6.09
N ILE A 166 8.06 5.93 -4.84
CA ILE A 166 8.37 4.67 -4.18
C ILE A 166 7.30 4.46 -3.11
N TYR A 167 6.82 3.23 -2.97
CA TYR A 167 5.70 2.96 -2.07
C TYR A 167 6.13 2.70 -0.62
N ARG A 168 7.06 1.77 -0.42
CA ARG A 168 7.78 1.56 0.83
C ARG A 168 6.94 0.96 1.97
N ASP A 169 5.76 0.43 1.70
CA ASP A 169 5.06 -0.25 2.80
C ASP A 169 4.23 -1.43 2.29
N LEU A 170 4.73 -2.17 1.30
CA LEU A 170 3.98 -3.31 0.81
C LEU A 170 3.94 -4.39 1.88
N LYS A 171 2.73 -4.82 2.22
CA LYS A 171 2.47 -5.90 3.17
C LYS A 171 0.97 -6.21 3.10
N PRO A 172 0.57 -7.41 3.51
CA PRO A 172 -0.84 -7.80 3.34
C PRO A 172 -1.85 -6.90 4.04
N GLU A 173 -1.48 -6.26 5.16
CA GLU A 173 -2.43 -5.40 5.86
C GLU A 173 -2.79 -4.17 5.07
N ASN A 174 -1.95 -3.76 4.11
CA ASN A 174 -2.20 -2.55 3.35
C ASN A 174 -2.90 -2.83 2.04
N LEU A 175 -3.32 -4.06 1.78
CA LEU A 175 -3.95 -4.45 0.53
C LEU A 175 -5.37 -4.86 0.85
N LEU A 176 -6.33 -4.02 0.50
CA LEU A 176 -7.72 -4.34 0.76
C LEU A 176 -8.29 -5.08 -0.43
N ILE A 177 -9.29 -5.93 -0.20
CA ILE A 177 -9.94 -6.72 -1.24
C ILE A 177 -11.32 -6.16 -1.47
N ASP A 178 -11.59 -5.75 -2.70
CA ASP A 178 -12.81 -5.01 -3.02
C ASP A 178 -13.93 -5.94 -3.44
N GLN A 179 -15.06 -5.33 -3.81
CA GLN A 179 -16.28 -6.07 -4.10
C GLN A 179 -16.14 -6.98 -5.30
N GLN A 180 -15.16 -6.73 -6.15
CA GLN A 180 -14.88 -7.59 -7.29
C GLN A 180 -13.75 -8.57 -7.01
N GLY A 181 -13.21 -8.55 -5.79
CA GLY A 181 -12.08 -9.39 -5.41
C GLY A 181 -10.72 -8.87 -5.84
N TYR A 182 -10.65 -7.63 -6.31
CA TYR A 182 -9.38 -7.01 -6.70
C TYR A 182 -8.78 -6.22 -5.53
N ILE A 183 -7.49 -5.89 -5.69
N ILE A 183 -7.47 -5.97 -5.62
CA ILE A 183 -6.68 -5.22 -4.69
CA ILE A 183 -6.74 -5.22 -4.60
C ILE A 183 -6.99 -3.73 -4.67
C ILE A 183 -6.93 -3.74 -4.78
N GLN A 184 -6.96 -3.16 -3.47
N GLN A 184 -7.09 -3.04 -3.66
CA GLN A 184 -6.93 -1.71 -3.28
CA GLN A 184 -6.86 -1.60 -3.60
C GLN A 184 -5.83 -1.41 -2.26
C GLN A 184 -5.83 -1.35 -2.52
N VAL A 185 -4.79 -0.71 -2.70
N VAL A 185 -4.65 -0.86 -2.94
CA VAL A 185 -3.74 -0.25 -1.80
CA VAL A 185 -3.57 -0.59 -2.00
C VAL A 185 -4.27 0.96 -1.05
C VAL A 185 -3.92 0.64 -1.19
N THR A 186 -4.16 0.95 0.28
N THR A 186 -3.78 0.54 0.13
CA THR A 186 -4.90 1.91 1.09
CA THR A 186 -4.03 1.67 1.02
C THR A 186 -4.07 2.68 2.12
C THR A 186 -2.80 1.93 1.86
N ASP A 187 -2.74 2.59 2.11
N ASP A 187 -2.78 3.11 2.47
CA ASP A 187 -1.92 3.38 3.02
CA ASP A 187 -1.75 3.56 3.39
C ASP A 187 -0.72 3.90 2.25
C ASP A 187 -0.50 3.95 2.64
N PHE A 188 -0.52 5.21 2.30
N PHE A 188 -0.45 5.24 2.29
CA PHE A 188 0.60 5.86 1.62
CA PHE A 188 0.69 5.82 1.62
C PHE A 188 1.52 6.60 2.60
C PHE A 188 1.58 6.59 2.59
N GLY A 189 1.51 6.21 3.88
CA GLY A 189 2.26 6.92 4.89
C GLY A 189 3.77 6.97 4.68
N PHE A 190 4.35 5.99 3.99
CA PHE A 190 5.77 6.00 3.66
C PHE A 190 6.05 6.26 2.18
N ALA A 191 5.03 6.53 1.38
CA ALA A 191 5.28 6.76 -0.04
C ALA A 191 5.97 8.10 -0.23
N LYS A 192 6.83 8.16 -1.25
CA LYS A 192 7.63 9.36 -1.45
C LYS A 192 7.96 9.54 -2.92
N ARG A 193 7.97 10.79 -3.38
CA ARG A 193 8.49 11.10 -4.69
C ARG A 193 10.00 11.28 -4.60
N VAL A 194 10.72 10.48 -5.39
CA VAL A 194 12.16 10.31 -5.28
C VAL A 194 12.74 10.25 -6.68
N LYS A 195 13.68 11.12 -6.98
CA LYS A 195 14.52 10.98 -8.16
C LYS A 195 15.90 10.55 -7.66
N GLY A 196 16.32 9.39 -8.06
CA GLY A 196 17.58 8.85 -7.58
C GLY A 196 17.36 8.01 -6.33
N ARG A 197 17.94 8.44 -5.23
CA ARG A 197 18.00 7.68 -3.99
C ARG A 197 17.27 8.40 -2.87
N THR A 198 16.91 7.64 -1.84
CA THR A 198 16.40 8.21 -0.61
C THR A 198 16.97 7.39 0.54
N TRP A 199 16.82 7.89 1.77
CA TRP A 199 17.60 7.36 2.89
C TRP A 199 16.81 6.98 4.16
N TPO A 200 15.53 7.32 4.25
CA TPO A 200 14.85 7.18 5.53
CB TPO A 200 13.48 7.88 5.48
CG2 TPO A 200 12.89 7.87 6.89
OG1 TPO A 200 13.66 9.23 5.08
P TPO A 200 12.93 9.56 3.71
O1P TPO A 200 13.40 11.03 3.30
O2P TPO A 200 11.45 9.44 3.91
O3P TPO A 200 13.47 8.53 2.63
C TPO A 200 14.64 5.73 5.91
O TPO A 200 14.20 4.91 5.11
H TPO A 200 15.05 7.61 3.60
HA TPO A 200 15.41 7.61 6.20
HB TPO A 200 12.83 7.37 4.78
HG21 TPO A 200 12.08 8.58 6.94
HG22 TPO A 200 13.66 8.14 7.61
HG23 TPO A 200 12.53 6.86 7.12
N LEU A 201 14.94 5.42 7.16
CA LEU A 201 14.57 4.12 7.72
C LEU A 201 13.07 4.07 7.98
N CYS A 202 12.35 3.29 7.17
CA CYS A 202 10.92 3.17 7.32
C CYS A 202 10.47 1.92 6.58
N GLY A 203 9.24 1.52 6.86
CA GLY A 203 8.70 0.29 6.36
C GLY A 203 8.30 -0.58 7.52
N THR A 204 8.15 -1.88 7.28
CA THR A 204 7.81 -2.87 8.26
C THR A 204 8.90 -3.94 8.27
N PRO A 205 9.40 -4.36 9.44
CA PRO A 205 10.64 -5.16 9.46
C PRO A 205 10.73 -6.37 8.52
N GLU A 206 9.70 -7.20 8.48
CA GLU A 206 9.74 -8.42 7.69
C GLU A 206 9.85 -8.12 6.21
N TYR A 207 9.51 -6.91 5.78
N TYR A 207 9.53 -6.91 5.79
CA TYR A 207 9.47 -6.55 4.36
CA TYR A 207 9.46 -6.54 4.38
C TYR A 207 10.63 -5.68 3.91
C TYR A 207 10.61 -5.66 3.92
N LEU A 208 11.53 -5.30 4.82
CA LEU A 208 12.62 -4.39 4.47
C LEU A 208 13.68 -5.08 3.62
N ALA A 209 14.08 -4.37 2.57
CA ALA A 209 15.20 -4.81 1.75
C ALA A 209 16.52 -4.64 2.51
N PRO A 210 17.52 -5.43 2.16
CA PRO A 210 18.83 -5.30 2.84
C PRO A 210 19.38 -3.90 2.82
N GLU A 211 19.24 -3.17 1.72
CA GLU A 211 19.86 -1.85 1.65
C GLU A 211 19.19 -0.84 2.56
N ILE A 212 17.93 -1.05 2.93
CA ILE A 212 17.32 -0.20 3.97
C ILE A 212 17.95 -0.51 5.32
N ILE A 213 18.04 -1.79 5.66
CA ILE A 213 18.61 -2.23 6.93
C ILE A 213 20.04 -1.71 7.10
N LEU A 214 20.81 -1.69 6.01
CA LEU A 214 22.20 -1.29 6.05
C LEU A 214 22.40 0.21 5.87
N SER A 215 21.32 1.01 5.90
CA SER A 215 21.43 2.47 5.93
C SER A 215 22.05 3.05 4.67
N LYS A 216 21.79 2.41 3.53
CA LYS A 216 22.26 2.89 2.25
C LYS A 216 21.25 3.86 1.65
N GLY A 217 21.71 4.61 0.64
CA GLY A 217 20.80 5.30 -0.24
C GLY A 217 20.15 4.31 -1.18
N TYR A 218 18.83 4.22 -1.15
CA TYR A 218 18.13 3.16 -1.85
C TYR A 218 17.10 3.75 -2.79
N ASN A 219 16.50 2.91 -3.60
N ASN A 219 16.52 2.90 -3.62
CA ASN A 219 15.60 3.37 -4.65
CA ASN A 219 15.65 3.34 -4.70
C ASN A 219 14.45 2.38 -4.79
C ASN A 219 14.46 2.39 -4.79
N LYS A 220 13.76 2.46 -5.93
CA LYS A 220 12.57 1.65 -6.15
C LYS A 220 12.81 0.16 -6.03
N ALA A 221 14.06 -0.29 -6.15
CA ALA A 221 14.35 -1.71 -5.95
C ALA A 221 13.83 -2.25 -4.62
N VAL A 222 13.64 -1.39 -3.61
CA VAL A 222 13.13 -1.90 -2.33
C VAL A 222 11.69 -2.37 -2.46
N ASP A 223 10.91 -1.76 -3.36
CA ASP A 223 9.53 -2.20 -3.58
C ASP A 223 9.52 -3.59 -4.24
N TRP A 224 10.43 -3.83 -5.18
CA TRP A 224 10.50 -5.14 -5.82
C TRP A 224 10.93 -6.22 -4.84
N TRP A 225 11.88 -5.91 -3.95
CA TRP A 225 12.19 -6.83 -2.87
C TRP A 225 10.94 -7.15 -2.04
N ALA A 226 10.20 -6.12 -1.65
CA ALA A 226 9.01 -6.32 -0.85
C ALA A 226 7.99 -7.17 -1.60
N LEU A 227 7.90 -7.03 -2.92
CA LEU A 227 7.00 -7.89 -3.69
C LEU A 227 7.43 -9.35 -3.54
N GLY A 228 8.74 -9.63 -3.57
CA GLY A 228 9.21 -10.98 -3.32
C GLY A 228 8.74 -11.50 -1.98
N VAL A 229 8.83 -10.67 -0.94
CA VAL A 229 8.38 -11.07 0.39
C VAL A 229 6.88 -11.36 0.37
N LEU A 230 6.11 -10.48 -0.26
CA LEU A 230 4.65 -10.64 -0.31
C LEU A 230 4.25 -11.90 -1.06
N ILE A 231 4.86 -12.16 -2.23
CA ILE A 231 4.50 -13.34 -2.98
C ILE A 231 4.85 -14.59 -2.18
N TYR A 232 6.03 -14.61 -1.55
CA TYR A 232 6.39 -15.72 -0.69
C TYR A 232 5.34 -15.92 0.40
N GLU A 233 4.98 -14.84 1.09
CA GLU A 233 4.02 -14.93 2.19
C GLU A 233 2.64 -15.41 1.70
N MET A 234 2.18 -14.90 0.56
CA MET A 234 0.90 -15.32 0.04
C MET A 234 0.89 -16.82 -0.26
N ALA A 235 1.98 -17.33 -0.84
CA ALA A 235 2.00 -18.71 -1.29
C ALA A 235 2.39 -19.70 -0.20
N ALA A 236 3.14 -19.25 0.82
CA ALA A 236 3.53 -20.11 1.94
C ALA A 236 2.61 -20.00 3.14
N GLY A 237 2.05 -18.83 3.38
CA GLY A 237 1.27 -18.52 4.56
C GLY A 237 2.04 -17.81 5.64
N TYR A 238 3.34 -17.60 5.44
CA TYR A 238 4.20 -16.91 6.38
C TYR A 238 5.31 -16.27 5.58
N PRO A 239 5.92 -15.21 6.08
CA PRO A 239 6.96 -14.52 5.31
C PRO A 239 8.28 -15.24 5.39
N PRO A 240 9.21 -14.95 4.46
CA PRO A 240 10.44 -15.74 4.39
C PRO A 240 11.42 -15.48 5.52
N PHE A 241 11.41 -14.29 6.09
CA PHE A 241 12.31 -13.89 7.17
C PHE A 241 11.44 -13.53 8.38
N PHE A 242 11.51 -14.37 9.42
CA PHE A 242 10.66 -14.21 10.60
C PHE A 242 11.53 -14.48 11.82
N ALA A 243 11.24 -13.76 12.90
CA ALA A 243 11.93 -14.00 14.18
C ALA A 243 11.26 -13.18 15.27
N ASP A 244 11.63 -13.50 16.51
N ASP A 244 11.61 -13.49 16.52
CA ASP A 244 11.03 -12.84 17.67
CA ASP A 244 10.99 -12.79 17.64
C ASP A 244 11.50 -11.39 17.78
C ASP A 244 11.49 -11.36 17.75
N GLN A 245 12.78 -11.12 17.52
CA GLN A 245 13.32 -9.78 17.60
C GLN A 245 13.56 -9.22 16.20
N PRO A 246 13.29 -7.94 15.97
CA PRO A 246 13.64 -7.36 14.66
C PRO A 246 15.09 -7.57 14.26
N ILE A 247 16.05 -7.45 15.18
CA ILE A 247 17.44 -7.61 14.79
C ILE A 247 17.67 -9.01 14.23
N GLN A 248 16.97 -10.00 14.77
CA GLN A 248 17.08 -11.36 14.23
C GLN A 248 16.47 -11.44 12.83
N ILE A 249 15.36 -10.73 12.60
CA ILE A 249 14.81 -10.64 11.24
C ILE A 249 15.84 -10.03 10.30
N TYR A 250 16.47 -8.95 10.74
CA TYR A 250 17.41 -8.23 9.88
C TYR A 250 18.61 -9.10 9.54
N GLU A 251 19.10 -9.89 10.49
CA GLU A 251 20.22 -10.78 10.20
C GLU A 251 19.84 -11.78 9.10
N LYS A 252 18.62 -12.30 9.14
CA LYS A 252 18.19 -13.23 8.11
C LYS A 252 18.06 -12.52 6.75
N ILE A 253 17.50 -11.31 6.75
CA ILE A 253 17.31 -10.58 5.49
C ILE A 253 18.65 -10.38 4.79
N VAL A 254 19.67 -9.92 5.52
CA VAL A 254 20.93 -9.58 4.86
C VAL A 254 21.74 -10.81 4.48
N SER A 255 21.40 -11.98 5.01
CA SER A 255 22.23 -13.17 4.85
C SER A 255 22.22 -13.71 3.43
N GLY A 256 21.15 -13.46 2.67
CA GLY A 256 21.07 -14.01 1.34
C GLY A 256 20.63 -15.46 1.31
N LYS A 257 19.93 -15.92 2.34
CA LYS A 257 19.50 -17.31 2.46
C LYS A 257 18.00 -17.34 2.71
N VAL A 258 17.27 -18.07 1.87
CA VAL A 258 15.84 -18.26 2.04
C VAL A 258 15.53 -19.71 1.71
N ARG A 259 14.59 -20.30 2.46
CA ARG A 259 14.18 -21.69 2.28
C ARG A 259 12.77 -21.69 1.71
N PHE A 260 12.57 -22.47 0.67
CA PHE A 260 11.26 -22.50 0.05
C PHE A 260 10.52 -23.78 0.41
N PRO A 261 9.22 -23.70 0.66
CA PRO A 261 8.44 -24.93 0.84
C PRO A 261 8.50 -25.80 -0.40
N SER A 262 8.42 -27.11 -0.18
CA SER A 262 8.48 -28.05 -1.28
C SER A 262 7.31 -27.88 -2.24
N HIS A 263 6.19 -27.37 -1.77
CA HIS A 263 5.04 -27.23 -2.66
C HIS A 263 5.21 -26.09 -3.66
N PHE A 264 6.15 -25.17 -3.44
CA PHE A 264 6.41 -24.11 -4.41
C PHE A 264 6.83 -24.72 -5.74
N SER A 265 6.26 -24.18 -6.81
CA SER A 265 6.70 -24.55 -8.15
C SER A 265 8.13 -24.06 -8.40
N SER A 266 8.77 -24.70 -9.37
CA SER A 266 10.11 -24.25 -9.78
C SER A 266 10.08 -22.83 -10.29
N ASP A 267 9.06 -22.48 -11.07
CA ASP A 267 8.94 -21.11 -11.57
C ASP A 267 8.82 -20.12 -10.42
N LEU A 268 8.04 -20.45 -9.39
CA LEU A 268 7.90 -19.54 -8.25
C LEU A 268 9.22 -19.34 -7.54
N LYS A 269 9.93 -20.43 -7.27
CA LYS A 269 11.23 -20.32 -6.63
C LYS A 269 12.17 -19.44 -7.44
N ASP A 270 12.19 -19.65 -8.76
CA ASP A 270 13.10 -18.87 -9.58
C ASP A 270 12.77 -17.38 -9.54
N LEU A 271 11.49 -17.03 -9.68
CA LEU A 271 11.10 -15.63 -9.57
C LEU A 271 11.52 -15.05 -8.22
N LEU A 272 11.26 -15.80 -7.14
CA LEU A 272 11.55 -15.29 -5.81
C LEU A 272 13.04 -15.10 -5.57
N ARG A 273 13.88 -15.97 -6.12
CA ARG A 273 15.32 -15.79 -5.96
C ARG A 273 15.78 -14.50 -6.61
N ASN A 274 15.09 -14.09 -7.68
CA ASN A 274 15.46 -12.88 -8.40
C ASN A 274 14.83 -11.61 -7.81
N LEU A 275 13.70 -11.72 -7.10
CA LEU A 275 13.15 -10.59 -6.37
C LEU A 275 13.83 -10.42 -5.02
N LEU A 276 14.09 -11.53 -4.33
CA LEU A 276 14.78 -11.56 -3.05
C LEU A 276 16.29 -11.66 -3.24
N GLN A 277 16.77 -10.91 -4.21
CA GLN A 277 18.19 -10.82 -4.52
C GLN A 277 18.80 -9.74 -3.63
N VAL A 278 19.75 -10.13 -2.77
CA VAL A 278 20.31 -9.18 -1.82
C VAL A 278 21.08 -8.07 -2.52
N ASP A 279 21.69 -8.34 -3.67
CA ASP A 279 22.44 -7.33 -4.40
C ASP A 279 21.45 -6.55 -5.25
N LEU A 280 21.16 -5.30 -4.86
CA LEU A 280 20.11 -4.55 -5.53
C LEU A 280 20.41 -4.33 -7.01
N THR A 281 21.68 -4.37 -7.41
CA THR A 281 22.02 -4.14 -8.81
C THR A 281 21.73 -5.36 -9.67
N LYS A 282 21.34 -6.48 -9.05
CA LYS A 282 20.99 -7.71 -9.76
C LYS A 282 19.53 -8.10 -9.55
N ARG A 283 18.75 -7.26 -8.89
CA ARG A 283 17.40 -7.62 -8.49
C ARG A 283 16.41 -7.33 -9.61
N PHE A 284 15.54 -8.30 -9.91
CA PHE A 284 14.47 -8.07 -10.87
C PHE A 284 13.66 -6.84 -10.50
N GLY A 285 13.29 -6.08 -11.53
CA GLY A 285 12.68 -4.79 -11.39
C GLY A 285 13.66 -3.64 -11.39
N ASN A 286 14.94 -3.90 -11.17
CA ASN A 286 15.97 -2.87 -11.11
C ASN A 286 17.05 -3.07 -12.16
N LEU A 287 16.81 -3.90 -13.17
CA LEU A 287 17.73 -4.12 -14.26
C LEU A 287 17.37 -3.26 -15.46
N LYS A 288 18.17 -3.34 -16.51
CA LYS A 288 17.93 -2.50 -17.69
C LYS A 288 16.53 -2.70 -18.26
N ASN A 289 15.99 -3.91 -18.19
CA ASN A 289 14.65 -4.15 -18.72
C ASN A 289 13.54 -3.88 -17.71
N GLY A 290 13.90 -3.39 -16.53
CA GLY A 290 12.90 -2.91 -15.59
C GLY A 290 11.83 -3.92 -15.29
N VAL A 291 10.58 -3.47 -15.34
CA VAL A 291 9.48 -4.33 -14.91
C VAL A 291 9.31 -5.51 -15.84
N ASN A 292 9.81 -5.43 -17.07
CA ASN A 292 9.54 -6.48 -18.02
C ASN A 292 10.25 -7.77 -17.69
N ASP A 293 11.33 -7.73 -16.91
CA ASP A 293 11.93 -8.98 -16.44
C ASP A 293 10.97 -9.75 -15.55
N ILE A 294 10.11 -9.04 -14.84
CA ILE A 294 9.10 -9.68 -14.00
C ILE A 294 7.90 -10.10 -14.85
N LYS A 295 7.38 -9.19 -15.67
CA LYS A 295 6.17 -9.50 -16.42
C LYS A 295 6.40 -10.65 -17.39
N ASN A 296 7.63 -10.82 -17.88
CA ASN A 296 7.97 -11.87 -18.83
C ASN A 296 8.45 -13.16 -18.19
N HIS A 297 8.53 -13.20 -16.86
CA HIS A 297 8.99 -14.40 -16.19
C HIS A 297 7.98 -15.53 -16.37
N LYS A 298 8.49 -16.76 -16.45
N LYS A 298 8.48 -16.77 -16.43
CA LYS A 298 7.62 -17.92 -16.63
CA LYS A 298 7.59 -17.90 -16.66
C LYS A 298 6.48 -17.96 -15.63
C LYS A 298 6.53 -18.09 -15.59
N TRP A 299 6.73 -17.56 -14.38
CA TRP A 299 5.67 -17.69 -13.38
C TRP A 299 4.45 -16.87 -13.77
N PHE A 300 4.63 -15.81 -14.55
CA PHE A 300 3.53 -14.99 -15.03
C PHE A 300 3.08 -15.36 -16.44
N ALA A 301 3.46 -16.52 -16.98
CA ALA A 301 3.14 -16.82 -18.37
C ALA A 301 1.63 -16.86 -18.63
N THR A 302 0.83 -17.22 -17.63
CA THR A 302 -0.63 -17.27 -17.79
C THR A 302 -1.32 -15.94 -17.56
N THR A 303 -0.58 -14.89 -17.24
CA THR A 303 -1.18 -13.61 -16.88
C THR A 303 -1.42 -12.76 -18.13
N ASP A 304 -2.67 -12.33 -18.28
CA ASP A 304 -3.09 -11.38 -19.31
C ASP A 304 -3.07 -10.02 -18.64
N TRP A 305 -1.95 -9.31 -18.84
CA TRP A 305 -1.72 -8.07 -18.11
C TRP A 305 -2.79 -7.04 -18.41
N ILE A 306 -3.20 -6.92 -19.66
CA ILE A 306 -4.24 -5.95 -20.00
C ILE A 306 -5.57 -6.33 -19.36
N ALA A 307 -5.91 -7.63 -19.37
CA ALA A 307 -7.16 -8.04 -18.75
C ALA A 307 -7.16 -7.75 -17.25
N ILE A 308 -6.01 -7.94 -16.59
CA ILE A 308 -5.93 -7.61 -15.16
C ILE A 308 -6.17 -6.13 -14.96
N TYR A 309 -5.47 -5.28 -15.74
CA TYR A 309 -5.66 -3.84 -15.63
C TYR A 309 -7.13 -3.44 -15.82
N GLN A 310 -7.80 -4.07 -16.79
CA GLN A 310 -9.18 -3.76 -17.10
C GLN A 310 -10.18 -4.43 -16.17
N ARG A 311 -9.70 -5.16 -15.17
N ARG A 311 -9.69 -5.21 -15.21
CA ARG A 311 -10.56 -5.87 -14.23
CA ARG A 311 -10.53 -5.89 -14.22
C ARG A 311 -11.53 -6.79 -14.94
C ARG A 311 -11.49 -6.88 -14.87
N LYS A 312 -11.05 -7.52 -15.95
CA LYS A 312 -11.87 -8.45 -16.70
C LYS A 312 -11.63 -9.90 -16.32
N VAL A 313 -10.64 -10.17 -15.48
CA VAL A 313 -10.37 -11.51 -15.00
C VAL A 313 -11.27 -11.80 -13.80
N GLU A 314 -11.91 -12.96 -13.80
CA GLU A 314 -12.70 -13.36 -12.65
C GLU A 314 -11.78 -13.60 -11.46
N ALA A 315 -12.10 -12.99 -10.34
CA ALA A 315 -11.23 -13.07 -9.19
C ALA A 315 -11.31 -14.43 -8.51
N PRO A 316 -10.23 -14.82 -7.80
CA PRO A 316 -10.23 -16.07 -7.05
C PRO A 316 -11.27 -16.13 -5.96
N PHE A 317 -11.71 -14.98 -5.46
N PHE A 317 -11.56 -15.03 -5.30
CA PHE A 317 -12.39 -14.90 -4.18
CA PHE A 317 -12.72 -15.03 -4.42
C PHE A 317 -13.11 -13.56 -4.02
C PHE A 317 -13.18 -13.61 -4.22
N ILE A 318 -14.41 -13.54 -3.74
CA ILE A 318 -15.11 -12.30 -3.46
C ILE A 318 -15.36 -12.28 -1.95
N PRO A 319 -14.95 -11.25 -1.24
CA PRO A 319 -15.22 -11.22 0.19
C PRO A 319 -16.71 -11.24 0.43
N LYS A 320 -17.08 -11.83 1.55
CA LYS A 320 -18.47 -11.88 1.98
C LYS A 320 -18.77 -10.64 2.81
N PHE A 321 -19.74 -9.86 2.37
CA PHE A 321 -20.15 -8.67 3.10
C PHE A 321 -21.57 -8.33 2.66
N LYS A 322 -22.28 -7.58 3.49
CA LYS A 322 -23.71 -7.38 3.28
C LYS A 322 -24.04 -6.08 2.55
N GLY A 323 -23.10 -5.15 2.49
CA GLY A 323 -23.36 -3.86 1.89
C GLY A 323 -22.24 -2.91 2.21
N PRO A 324 -22.36 -1.67 1.71
CA PRO A 324 -21.26 -0.71 1.81
C PRO A 324 -20.99 -0.24 3.23
N GLY A 325 -21.88 -0.52 4.18
CA GLY A 325 -21.66 -0.19 5.57
C GLY A 325 -21.26 -1.36 6.45
N ASP A 326 -21.11 -2.55 5.88
CA ASP A 326 -20.74 -3.71 6.66
C ASP A 326 -19.29 -3.63 7.08
N THR A 327 -19.05 -3.83 8.39
CA THR A 327 -17.71 -3.83 8.96
C THR A 327 -17.24 -5.21 9.41
N SER A 328 -17.95 -6.29 9.04
N SER A 328 -17.96 -6.28 9.05
CA SER A 328 -17.66 -7.62 9.54
CA SER A 328 -17.65 -7.61 9.55
C SER A 328 -16.31 -8.18 9.09
C SER A 328 -16.23 -8.06 9.20
N ASN A 329 -15.68 -7.60 8.08
CA ASN A 329 -14.35 -8.04 7.66
C ASN A 329 -13.22 -7.27 8.35
N PHE A 330 -13.55 -6.33 9.21
CA PHE A 330 -12.60 -5.63 10.05
C PHE A 330 -12.83 -6.02 11.49
N ASP A 331 -11.85 -5.77 12.33
CA ASP A 331 -11.90 -6.24 13.70
C ASP A 331 -12.33 -5.14 14.66
N ASP A 332 -12.42 -5.48 15.93
CA ASP A 332 -13.01 -4.61 16.94
C ASP A 332 -11.91 -3.94 17.75
N TYR A 333 -12.04 -2.63 17.89
CA TYR A 333 -11.10 -1.81 18.65
C TYR A 333 -11.89 -0.99 19.66
N GLU A 334 -11.23 -0.63 20.75
CA GLU A 334 -11.81 0.31 21.69
C GLU A 334 -12.23 1.57 20.97
N GLU A 335 -13.45 2.01 21.23
CA GLU A 335 -13.96 3.23 20.60
C GLU A 335 -13.58 4.41 21.48
N GLU A 336 -12.56 5.13 21.04
CA GLU A 336 -12.00 6.23 21.81
C GLU A 336 -12.49 7.57 21.27
N GLU A 337 -12.49 8.56 22.14
CA GLU A 337 -12.93 9.89 21.74
C GLU A 337 -11.99 10.50 20.70
N ILE A 338 -12.54 11.33 19.81
CA ILE A 338 -11.82 12.08 18.78
C ILE A 338 -11.99 13.56 19.09
N ARG A 339 -11.02 14.13 19.79
CA ARG A 339 -11.11 15.47 20.35
C ARG A 339 -10.46 16.48 19.43
N VAL A 340 -11.07 17.65 19.32
CA VAL A 340 -10.48 18.77 18.59
C VAL A 340 -10.25 19.89 19.59
N SEP A 341 -8.99 20.30 19.72
CA SEP A 341 -8.63 21.33 20.68
CB SEP A 341 -7.11 21.47 20.77
OG SEP A 341 -6.73 22.59 21.58
C SEP A 341 -9.27 22.67 20.31
O SEP A 341 -9.54 22.95 19.13
P SEP A 341 -6.66 22.32 23.17
O1P SEP A 341 -5.61 23.39 23.76
O2P SEP A 341 -8.14 22.49 23.73
O3P SEP A 341 -6.12 20.82 23.40
H SEP A 341 -8.32 19.99 19.27
HA SEP A 341 -8.98 21.09 21.56
HB2 SEP A 341 -6.76 21.61 19.88
HB3 SEP A 341 -6.74 20.67 21.17
N ILE A 342 -9.51 23.50 21.32
CA ILE A 342 -9.97 24.86 21.08
C ILE A 342 -8.83 25.73 20.54
N ASN A 343 -7.59 25.24 20.64
CA ASN A 343 -6.41 25.95 20.17
C ASN A 343 -5.72 25.18 19.05
N GLU A 344 -5.23 25.92 18.05
CA GLU A 344 -4.53 25.30 16.93
C GLU A 344 -3.18 24.74 17.35
N LYS A 345 -2.90 23.51 16.92
N LYS A 345 -2.91 23.49 16.96
CA LYS A 345 -1.64 22.83 17.25
CA LYS A 345 -1.65 22.83 17.22
C LYS A 345 -0.84 22.59 15.98
C LYS A 345 -0.86 22.67 15.93
N CYS A 346 0.43 22.98 15.99
CA CYS A 346 1.36 22.68 14.91
C CYS A 346 0.92 23.26 13.57
N GLY A 347 0.36 24.47 13.60
CA GLY A 347 -0.12 25.07 12.37
C GLY A 347 0.97 25.19 11.32
N LYS A 348 2.14 25.69 11.72
CA LYS A 348 3.19 25.94 10.74
C LYS A 348 3.63 24.64 10.08
N GLU A 349 3.82 23.59 10.87
CA GLU A 349 4.33 22.33 10.35
C GLU A 349 3.45 21.79 9.24
N PHE A 350 2.13 21.98 9.33
CA PHE A 350 1.19 21.36 8.41
C PHE A 350 0.51 22.37 7.49
N THR A 351 1.15 23.51 7.28
CA THR A 351 0.58 24.55 6.43
C THR A 351 0.14 24.01 5.07
N GLU A 352 0.95 23.15 4.45
CA GLU A 352 0.64 22.74 3.09
C GLU A 352 -0.47 21.69 3.01
N PHE A 353 -0.86 21.09 4.13
CA PHE A 353 -1.82 19.98 4.09
C PHE A 353 -3.19 20.53 3.74
O08 UNU B . -11.56 1.02 3.53
C07 UNU B . -10.48 1.63 3.61
N09 UNU B . -10.03 2.44 2.64
C06 UNU B . -9.59 1.40 4.81
C01 UNU B . -10.02 0.57 5.82
C05 UNU B . -8.31 1.97 4.90
C04 UNU B . -7.50 1.69 5.98
C03 UNU B . -7.94 0.86 7.00
C02 UNU B . -9.20 0.30 6.92
O08 UNU C . -18.28 14.74 13.49
C07 UNU C . -17.69 13.99 14.29
N09 UNU C . -17.70 14.19 15.60
C06 UNU C . -16.92 12.80 13.78
C01 UNU C . -15.91 12.22 14.53
C05 UNU C . -17.17 12.32 12.50
C04 UNU C . -16.41 11.30 11.97
C03 UNU C . -15.39 10.73 12.70
C02 UNU C . -15.15 11.19 13.99
#